data_5VLA
#
_entry.id   5VLA
#
_cell.length_a   70.267
_cell.length_b   70.267
_cell.length_c   157.254
_cell.angle_alpha   90.00
_cell.angle_beta   90.00
_cell.angle_gamma   120.00
#
_symmetry.space_group_name_H-M   'P 32 2 1'
#
loop_
_entity.id
_entity.type
_entity.pdbx_description
1 polymer 'Proprotein convertase subtilisin/kexin type 9'
2 polymer THR-VAL-PHE-THR-SER-TRP-GLU-GLU-TYR-LEU-ASP-TRP-VAL-MET-PRO-TRP-ASN-LEU-VAL-ARG-ILE-GLY-LEU-LEU
3 non-polymer 'CALCIUM ION'
4 water water
#
loop_
_entity_poly.entity_id
_entity_poly.type
_entity_poly.pdbx_seq_one_letter_code
_entity_poly.pdbx_strand_id
1 'polypeptide(L)'
;MGTVSSRRSWWPLPLLLLLLLLLGPAGARAQEDEDGDYEELVLALRSEEDGLAEAPEHGTTATFHRCAKDPWRLPGTYVV
VLKEETHLSQSERTARRLQAQAARRGYLTKILHVFHGLLPGFLVKMSGDLLELALKLPHVDYIEEDSSVFAQSIPWNLER
ITPPRYSADEYQPPDGGSLVEVYLLDTSIQSDHREIEGRVMVTDFENVPEEDGTRFHRQASKCDSHGTHLAGVVSGRDAG
VAKGASMRSLRVLNCQGKGTVSGTLIGLEFIRKSQLVQPVGPLVVLLPLAGGYSRVLNAACQRLARAGVVLVTAAGNFRD
DACLYSPASAPEVITVGATNAQDQPVTLGTLGTNFGRCVDLFAPGEDIIGASSDCSTCFVSQSGTSQAAAHVAGIAAMML
SAEPELTLAELRQRLIHFSAKDVINEAWFPEDQRVLTPNLVAALPPSTHGAGNSHHHHHH
;
A
2 'polypeptide(L)' TVFTSWEEYLDWVGSGDLMPWNLVRIGLLR Z
#
loop_
_chem_comp.id
_chem_comp.type
_chem_comp.name
_chem_comp.formula
CA non-polymer 'CALCIUM ION' 'Ca 2'
#
# COMPACT_ATOMS: atom_id res chain seq x y z
N THR A 61 -14.91 14.15 -22.51
CA THR A 61 -14.52 15.35 -21.75
C THR A 61 -13.81 15.01 -20.41
N ALA A 62 -13.07 15.99 -19.87
CA ALA A 62 -12.35 15.88 -18.61
C ALA A 62 -13.34 15.92 -17.44
N THR A 63 -13.10 15.09 -16.42
CA THR A 63 -13.96 14.95 -15.23
C THR A 63 -13.27 15.36 -13.92
N PHE A 64 -14.07 15.71 -12.88
CA PHE A 64 -13.56 16.08 -11.56
C PHE A 64 -13.99 15.05 -10.54
N HIS A 65 -13.07 14.66 -9.67
CA HIS A 65 -13.32 13.66 -8.65
C HIS A 65 -12.77 14.14 -7.31
N ARG A 66 -13.54 13.94 -6.25
CA ARG A 66 -13.13 14.23 -4.89
C ARG A 66 -13.56 13.04 -4.04
N CYS A 67 -12.82 12.75 -2.97
CA CYS A 67 -13.10 11.66 -2.04
C CYS A 67 -14.56 11.71 -1.52
N ALA A 68 -15.30 10.60 -1.69
CA ALA A 68 -16.68 10.42 -1.21
C ALA A 68 -16.73 10.46 0.34
N LYS A 69 -15.64 10.01 1.04
CA LYS A 69 -15.53 10.08 2.50
C LYS A 69 -15.09 11.52 2.79
N ASP A 70 -16.09 12.41 2.97
CA ASP A 70 -15.90 13.84 3.21
C ASP A 70 -14.81 14.18 4.28
N PRO A 71 -14.75 13.55 5.47
CA PRO A 71 -13.67 13.89 6.43
C PRO A 71 -12.25 13.55 5.91
N TRP A 72 -12.12 12.66 4.93
CA TRP A 72 -10.81 12.33 4.37
C TRP A 72 -10.35 13.26 3.25
N ARG A 73 -11.22 14.20 2.80
CA ARG A 73 -10.90 15.14 1.73
C ARG A 73 -9.80 16.11 2.15
N LEU A 74 -8.97 16.52 1.17
CA LEU A 74 -7.91 17.49 1.42
C LEU A 74 -8.08 18.64 0.42
N PRO A 75 -9.05 19.54 0.65
CA PRO A 75 -9.31 20.61 -0.34
C PRO A 75 -8.17 21.61 -0.46
N GLY A 76 -8.05 22.21 -1.64
CA GLY A 76 -6.99 23.17 -1.95
C GLY A 76 -5.81 22.56 -2.70
N THR A 77 -5.73 21.21 -2.75
CA THR A 77 -4.67 20.46 -3.44
C THR A 77 -5.26 19.51 -4.50
N TYR A 78 -4.78 19.63 -5.73
CA TYR A 78 -5.33 18.84 -6.83
C TYR A 78 -4.30 18.09 -7.67
N VAL A 79 -4.61 16.82 -7.95
CA VAL A 79 -3.84 15.99 -8.88
C VAL A 79 -4.51 16.18 -10.24
N VAL A 80 -3.79 16.82 -11.17
CA VAL A 80 -4.29 17.03 -12.54
C VAL A 80 -3.64 15.95 -13.40
N VAL A 81 -4.44 15.03 -13.91
CA VAL A 81 -3.98 13.87 -14.69
C VAL A 81 -4.12 14.12 -16.17
N LEU A 82 -3.02 13.96 -16.90
CA LEU A 82 -3.08 14.18 -18.33
C LEU A 82 -3.23 12.86 -19.06
N LYS A 83 -3.71 12.91 -20.30
CA LYS A 83 -3.89 11.78 -21.22
C LYS A 83 -2.62 10.93 -21.29
N GLU A 84 -2.82 9.59 -21.32
CA GLU A 84 -1.82 8.51 -21.27
C GLU A 84 -0.44 8.78 -21.93
N GLU A 85 -0.39 9.34 -23.15
CA GLU A 85 0.88 9.50 -23.84
C GLU A 85 1.49 10.92 -23.75
N THR A 86 0.98 11.77 -22.81
CA THR A 86 1.49 13.13 -22.64
C THR A 86 2.93 13.11 -22.17
N HIS A 87 3.78 13.84 -22.87
CA HIS A 87 5.20 13.94 -22.58
C HIS A 87 5.42 14.86 -21.35
N LEU A 88 6.58 14.75 -20.67
CA LEU A 88 6.92 15.57 -19.51
C LEU A 88 6.91 17.08 -19.85
N SER A 89 7.51 17.45 -21.01
CA SER A 89 7.57 18.82 -21.52
C SER A 89 6.19 19.42 -21.66
N GLN A 90 5.21 18.62 -22.12
CA GLN A 90 3.82 19.03 -22.30
C GLN A 90 3.15 19.21 -20.94
N SER A 91 3.44 18.30 -19.98
CA SER A 91 2.89 18.39 -18.64
CA SER A 91 2.92 18.36 -18.62
C SER A 91 3.34 19.67 -17.95
N GLU A 92 4.62 20.07 -18.15
CA GLU A 92 5.15 21.32 -17.59
C GLU A 92 4.50 22.52 -18.25
N ARG A 93 4.30 22.49 -19.59
CA ARG A 93 3.65 23.55 -20.36
C ARG A 93 2.19 23.74 -19.93
N THR A 94 1.46 22.63 -19.64
CA THR A 94 0.06 22.69 -19.20
C THR A 94 -0.01 23.30 -17.77
N ALA A 95 0.98 22.99 -16.90
CA ALA A 95 1.06 23.53 -15.55
C ALA A 95 1.29 25.02 -15.61
N ARG A 96 2.21 25.47 -16.51
CA ARG A 96 2.54 26.89 -16.69
C ARG A 96 1.36 27.67 -17.21
N ARG A 97 0.58 27.07 -18.15
CA ARG A 97 -0.63 27.66 -18.76
C ARG A 97 -1.70 27.87 -17.69
N LEU A 98 -1.83 26.91 -16.78
CA LEU A 98 -2.77 26.96 -15.68
C LEU A 98 -2.35 28.08 -14.74
N GLN A 99 -1.06 28.19 -14.42
CA GLN A 99 -0.54 29.27 -13.58
C GLN A 99 -0.79 30.63 -14.24
N ALA A 100 -0.50 30.72 -15.55
CA ALA A 100 -0.66 31.96 -16.30
C ALA A 100 -2.12 32.38 -16.42
N GLN A 101 -3.03 31.46 -16.83
CA GLN A 101 -4.47 31.76 -16.94
C GLN A 101 -5.07 32.08 -15.56
N ALA A 102 -4.64 31.35 -14.52
CA ALA A 102 -5.07 31.59 -13.15
C ALA A 102 -4.61 32.99 -12.69
N ALA A 103 -3.39 33.43 -13.07
CA ALA A 103 -2.84 34.75 -12.74
C ALA A 103 -3.66 35.90 -13.34
N ARG A 104 -4.17 35.70 -14.57
CA ARG A 104 -5.01 36.66 -15.29
C ARG A 104 -6.32 36.92 -14.50
N ARG A 105 -6.82 35.90 -13.80
CA ARG A 105 -8.05 35.99 -12.99
C ARG A 105 -7.76 36.36 -11.53
N GLY A 106 -6.51 36.75 -11.23
CA GLY A 106 -6.06 37.19 -9.92
C GLY A 106 -5.83 36.10 -8.89
N TYR A 107 -5.65 34.85 -9.34
CA TYR A 107 -5.44 33.72 -8.45
C TYR A 107 -3.99 33.29 -8.41
N LEU A 108 -3.51 33.03 -7.22
CA LEU A 108 -2.18 32.55 -6.98
C LEU A 108 -2.20 31.04 -6.91
N THR A 109 -1.32 30.37 -7.67
CA THR A 109 -1.21 28.92 -7.68
C THR A 109 0.24 28.48 -7.49
N LYS A 110 0.43 27.26 -6.96
CA LYS A 110 1.75 26.67 -6.76
CA LYS A 110 1.74 26.67 -6.74
C LYS A 110 1.79 25.28 -7.37
N ILE A 111 2.82 25.01 -8.21
CA ILE A 111 2.99 23.68 -8.78
C ILE A 111 3.91 22.97 -7.79
N LEU A 112 3.38 21.97 -7.08
CA LEU A 112 4.12 21.28 -6.05
C LEU A 112 4.99 20.15 -6.58
N HIS A 113 4.59 19.55 -7.74
CA HIS A 113 5.24 18.38 -8.32
C HIS A 113 4.69 18.11 -9.71
N VAL A 114 5.56 17.68 -10.63
CA VAL A 114 5.16 17.31 -11.99
C VAL A 114 5.42 15.80 -12.12
N PHE A 115 4.38 15.04 -12.53
CA PHE A 115 4.40 13.59 -12.70
C PHE A 115 4.83 13.18 -14.11
N HIS A 116 5.63 12.11 -14.16
CA HIS A 116 6.15 11.45 -15.37
C HIS A 116 6.77 10.12 -14.93
N GLY A 117 6.39 9.04 -15.59
CA GLY A 117 6.91 7.71 -15.27
C GLY A 117 5.87 6.63 -15.37
N LEU A 118 4.71 6.86 -14.76
CA LEU A 118 3.57 5.93 -14.81
C LEU A 118 2.40 6.68 -15.42
N LEU A 119 2.18 7.87 -14.87
CA LEU A 119 1.06 8.73 -15.12
C LEU A 119 1.58 10.13 -15.39
N PRO A 120 1.23 10.78 -16.53
CA PRO A 120 1.66 12.17 -16.72
C PRO A 120 0.67 13.14 -16.02
N GLY A 121 1.20 14.24 -15.50
CA GLY A 121 0.35 15.22 -14.83
C GLY A 121 1.09 16.06 -13.83
N PHE A 122 0.34 16.68 -12.89
CA PHE A 122 0.94 17.55 -11.87
C PHE A 122 0.06 17.78 -10.63
N LEU A 123 0.73 18.10 -9.52
CA LEU A 123 0.13 18.40 -8.23
C LEU A 123 0.10 19.91 -8.10
N VAL A 124 -1.09 20.49 -7.94
CA VAL A 124 -1.22 21.94 -7.82
C VAL A 124 -2.00 22.34 -6.53
N LYS A 125 -1.44 23.30 -5.80
CA LYS A 125 -2.09 23.94 -4.66
C LYS A 125 -2.73 25.18 -5.29
N MET A 126 -4.07 25.28 -5.21
CA MET A 126 -4.83 26.38 -5.80
C MET A 126 -6.27 26.37 -5.28
N SER A 127 -6.99 27.44 -5.60
CA SER A 127 -8.40 27.58 -5.30
C SER A 127 -9.21 26.69 -6.23
N GLY A 128 -10.15 25.95 -5.64
CA GLY A 128 -11.11 25.10 -6.35
C GLY A 128 -11.92 25.87 -7.37
N ASP A 129 -11.99 27.21 -7.24
CA ASP A 129 -12.69 28.07 -8.20
C ASP A 129 -12.12 27.92 -9.61
N LEU A 130 -10.85 27.56 -9.71
CA LEU A 130 -10.14 27.41 -10.98
C LEU A 130 -10.34 26.08 -11.69
N LEU A 131 -11.16 25.17 -11.13
CA LEU A 131 -11.39 23.84 -11.68
C LEU A 131 -12.03 23.82 -13.06
N GLU A 132 -13.10 24.61 -13.30
CA GLU A 132 -13.74 24.64 -14.63
C GLU A 132 -12.70 25.00 -15.67
N LEU A 133 -11.89 26.06 -15.42
CA LEU A 133 -10.80 26.53 -16.29
C LEU A 133 -9.78 25.39 -16.49
N ALA A 134 -9.29 24.81 -15.38
CA ALA A 134 -8.33 23.69 -15.39
C ALA A 134 -8.83 22.47 -16.18
N LEU A 135 -10.14 22.20 -16.13
CA LEU A 135 -10.72 21.07 -16.85
C LEU A 135 -10.74 21.26 -18.37
N LYS A 136 -10.63 22.53 -18.85
CA LYS A 136 -10.61 22.89 -20.27
C LYS A 136 -9.19 22.89 -20.86
N LEU A 137 -8.17 22.66 -20.04
CA LEU A 137 -6.78 22.60 -20.48
C LEU A 137 -6.59 21.41 -21.44
N PRO A 138 -5.89 21.61 -22.58
CA PRO A 138 -5.66 20.47 -23.49
C PRO A 138 -4.75 19.44 -22.81
N HIS A 139 -4.93 18.16 -23.16
CA HIS A 139 -4.22 17.00 -22.62
C HIS A 139 -4.81 16.51 -21.30
N VAL A 140 -5.67 17.33 -20.61
CA VAL A 140 -6.28 16.93 -19.34
C VAL A 140 -7.31 15.80 -19.53
N ASP A 141 -7.06 14.68 -18.83
CA ASP A 141 -7.90 13.49 -18.78
C ASP A 141 -8.93 13.64 -17.64
N TYR A 142 -8.44 13.99 -16.42
CA TYR A 142 -9.27 14.24 -15.23
C TYR A 142 -8.45 14.90 -14.14
N ILE A 143 -9.14 15.47 -13.14
CA ILE A 143 -8.53 16.12 -11.97
C ILE A 143 -9.15 15.49 -10.74
N GLU A 144 -8.32 15.23 -9.73
CA GLU A 144 -8.74 14.65 -8.48
C GLU A 144 -8.23 15.49 -7.33
N GLU A 145 -9.11 15.82 -6.39
CA GLU A 145 -8.73 16.55 -5.21
C GLU A 145 -7.98 15.58 -4.30
N ASP A 146 -6.89 16.05 -3.67
CA ASP A 146 -6.10 15.23 -2.76
C ASP A 146 -6.94 14.71 -1.60
N SER A 147 -6.56 13.55 -1.05
CA SER A 147 -7.24 12.95 0.11
C SER A 147 -6.27 12.14 0.97
N SER A 148 -6.73 11.77 2.17
CA SER A 148 -5.91 11.04 3.13
C SER A 148 -5.98 9.55 2.95
N VAL A 149 -4.85 8.87 3.26
CA VAL A 149 -4.69 7.42 3.35
C VAL A 149 -4.19 7.17 4.79
N PHE A 150 -4.42 5.97 5.34
CA PHE A 150 -4.07 5.64 6.72
C PHE A 150 -3.50 4.24 6.84
N ALA A 151 -2.58 4.05 7.83
CA ALA A 151 -2.00 2.75 8.18
C ALA A 151 -3.13 1.78 8.53
N GLN A 152 -3.03 0.55 8.03
CA GLN A 152 -4.07 -0.45 8.27
C GLN A 152 -3.59 -1.56 9.20
N SER A 178 15.57 -13.33 -2.15
CA SER A 178 16.90 -12.72 -2.11
C SER A 178 17.27 -12.01 -3.42
N LEU A 179 16.77 -12.54 -4.55
CA LEU A 179 16.93 -11.89 -5.86
C LEU A 179 15.68 -11.00 -6.15
N VAL A 180 14.77 -10.97 -5.17
CA VAL A 180 13.54 -10.16 -5.18
C VAL A 180 13.75 -8.97 -4.23
N GLU A 181 13.30 -7.79 -4.65
CA GLU A 181 13.37 -6.59 -3.83
C GLU A 181 11.94 -6.25 -3.36
N VAL A 182 11.74 -6.11 -2.03
CA VAL A 182 10.44 -5.74 -1.48
C VAL A 182 10.46 -4.28 -1.06
N TYR A 183 9.62 -3.47 -1.69
CA TYR A 183 9.48 -2.06 -1.34
C TYR A 183 8.35 -1.89 -0.31
N LEU A 184 8.60 -1.05 0.71
CA LEU A 184 7.63 -0.75 1.76
C LEU A 184 7.32 0.74 1.78
N LEU A 185 6.05 1.13 1.53
CA LEU A 185 5.60 2.54 1.59
C LEU A 185 4.77 2.64 2.86
N ASP A 186 5.38 3.15 3.93
CA ASP A 186 4.73 3.18 5.25
C ASP A 186 5.30 4.31 6.11
N THR A 187 5.28 4.14 7.43
CA THR A 187 5.82 5.11 8.40
C THR A 187 7.32 5.03 8.33
N SER A 188 7.99 5.81 9.18
CA SER A 188 9.44 5.71 9.33
C SER A 188 9.72 4.32 9.93
N ILE A 189 10.95 3.84 9.82
CA ILE A 189 11.26 2.51 10.34
C ILE A 189 12.55 2.53 11.17
N GLN A 190 12.63 1.67 12.19
CA GLN A 190 13.85 1.49 12.98
C GLN A 190 14.71 0.46 12.23
N SER A 191 15.58 0.95 11.33
CA SER A 191 16.44 0.09 10.49
C SER A 191 17.49 -0.72 11.24
N ASP A 192 17.84 -0.33 12.47
CA ASP A 192 18.85 -1.06 13.25
C ASP A 192 18.24 -2.07 14.22
N HIS A 193 16.92 -2.31 14.12
CA HIS A 193 16.28 -3.32 14.95
C HIS A 193 16.92 -4.67 14.63
N ARG A 194 17.30 -5.46 15.66
CA ARG A 194 17.99 -6.77 15.50
C ARG A 194 17.32 -7.64 14.44
N GLU A 195 15.98 -7.63 14.44
CA GLU A 195 15.10 -8.35 13.54
C GLU A 195 15.30 -8.01 12.06
N ILE A 196 15.54 -6.74 11.72
CA ILE A 196 15.64 -6.31 10.32
C ILE A 196 16.98 -5.64 9.93
N GLU A 197 17.90 -5.47 10.89
CA GLU A 197 19.23 -4.88 10.68
C GLU A 197 19.92 -5.53 9.46
N GLY A 198 20.32 -4.71 8.50
CA GLY A 198 21.00 -5.14 7.28
C GLY A 198 20.16 -5.79 6.20
N ARG A 199 18.82 -5.78 6.35
CA ARG A 199 17.86 -6.36 5.39
C ARG A 199 16.97 -5.27 4.84
N VAL A 200 16.90 -4.13 5.56
CA VAL A 200 16.11 -2.98 5.14
C VAL A 200 17.01 -1.78 4.84
N MET A 201 16.86 -1.22 3.64
CA MET A 201 17.57 -0.05 3.18
C MET A 201 16.58 1.13 3.21
N VAL A 202 16.91 2.17 3.98
CA VAL A 202 16.08 3.35 4.08
C VAL A 202 16.42 4.25 2.91
N THR A 203 15.43 4.49 2.01
CA THR A 203 15.61 5.40 0.87
C THR A 203 15.52 6.83 1.40
N ASP A 204 15.90 7.81 0.57
CA ASP A 204 15.81 9.21 0.98
C ASP A 204 14.38 9.77 0.72
N PHE A 205 13.46 8.90 0.25
CA PHE A 205 12.10 9.31 -0.04
C PHE A 205 11.27 9.59 1.21
N GLU A 206 10.70 10.82 1.23
CA GLU A 206 9.83 11.27 2.29
C GLU A 206 8.80 12.28 1.77
N ASN A 207 7.53 11.91 1.86
CA ASN A 207 6.40 12.79 1.51
C ASN A 207 5.25 12.47 2.45
N VAL A 208 5.13 13.27 3.53
CA VAL A 208 4.13 13.08 4.58
C VAL A 208 3.41 14.39 4.95
N PRO A 209 2.10 14.36 5.30
CA PRO A 209 1.46 15.60 5.76
C PRO A 209 1.85 15.87 7.22
N GLU A 210 1.72 17.13 7.65
CA GLU A 210 2.03 17.55 9.02
C GLU A 210 1.09 16.85 10.01
N GLU A 211 1.57 16.63 11.25
CA GLU A 211 0.77 15.99 12.30
C GLU A 211 -0.31 16.95 12.81
N ASP A 212 -1.45 16.40 13.25
CA ASP A 212 -2.60 17.16 13.74
C ASP A 212 -2.48 17.52 15.23
N LYS A 222 7.33 5.32 18.34
CA LYS A 222 5.92 5.43 17.96
C LYS A 222 5.73 5.99 16.55
N CYS A 223 6.66 6.82 16.04
CA CYS A 223 6.63 7.31 14.65
C CYS A 223 6.89 6.11 13.73
N ASP A 224 7.71 5.17 14.22
CA ASP A 224 8.15 4.03 13.45
C ASP A 224 7.49 2.69 13.81
N SER A 225 6.57 2.65 14.77
CA SER A 225 5.89 1.40 15.20
C SER A 225 5.27 0.56 14.06
N HIS A 226 4.41 1.18 13.22
CA HIS A 226 3.70 0.49 12.15
C HIS A 226 4.64 -0.12 11.11
N GLY A 227 5.53 0.68 10.51
CA GLY A 227 6.51 0.20 9.52
C GLY A 227 7.47 -0.89 10.01
N THR A 228 8.08 -0.71 11.20
CA THR A 228 9.05 -1.65 11.77
C THR A 228 8.43 -3.03 11.93
N HIS A 229 7.23 -3.08 12.53
CA HIS A 229 6.52 -4.32 12.73
C HIS A 229 6.28 -5.03 11.39
N LEU A 230 5.88 -4.26 10.36
CA LEU A 230 5.59 -4.78 9.02
C LEU A 230 6.82 -5.27 8.29
N ALA A 231 7.94 -4.52 8.38
CA ALA A 231 9.23 -4.91 7.84
C ALA A 231 9.63 -6.24 8.47
N GLY A 232 9.40 -6.36 9.78
CA GLY A 232 9.69 -7.56 10.53
C GLY A 232 8.85 -8.76 10.12
N VAL A 233 7.56 -8.53 9.77
CA VAL A 233 6.65 -9.58 9.32
C VAL A 233 7.10 -10.12 7.95
N VAL A 234 7.62 -9.23 7.10
CA VAL A 234 8.10 -9.60 5.78
C VAL A 234 9.44 -10.33 5.88
N SER A 235 10.43 -9.78 6.59
CA SER A 235 11.78 -10.33 6.58
C SER A 235 12.54 -10.52 7.90
N GLY A 236 11.84 -10.46 9.03
CA GLY A 236 12.47 -10.58 10.35
C GLY A 236 13.15 -11.90 10.61
N ARG A 237 14.33 -11.86 11.28
CA ARG A 237 15.14 -13.03 11.61
C ARG A 237 14.39 -14.09 12.40
N ASP A 238 13.56 -13.69 13.36
CA ASP A 238 12.85 -14.67 14.19
C ASP A 238 11.37 -14.86 13.85
N ALA A 239 10.68 -13.76 13.51
CA ALA A 239 9.23 -13.72 13.26
C ALA A 239 8.82 -13.42 11.81
N GLY A 240 9.80 -13.34 10.91
CA GLY A 240 9.57 -13.04 9.50
C GLY A 240 9.20 -14.20 8.60
N VAL A 241 8.41 -13.88 7.56
CA VAL A 241 7.92 -14.80 6.53
C VAL A 241 9.05 -15.12 5.50
N ALA A 242 9.62 -14.10 4.86
CA ALA A 242 10.71 -14.24 3.88
C ALA A 242 12.03 -13.70 4.50
N LYS A 243 12.66 -14.50 5.37
CA LYS A 243 13.92 -14.15 6.05
C LYS A 243 15.04 -13.65 5.10
N GLY A 244 15.12 -14.24 3.90
CA GLY A 244 16.13 -13.86 2.92
C GLY A 244 15.78 -12.68 2.02
N ALA A 245 14.63 -12.03 2.24
CA ALA A 245 14.23 -10.91 1.40
C ALA A 245 14.84 -9.60 1.86
N SER A 246 15.28 -8.82 0.88
CA SER A 246 15.82 -7.50 1.12
C SER A 246 14.68 -6.50 0.87
N MET A 247 14.65 -5.42 1.65
CA MET A 247 13.59 -4.42 1.62
C MET A 247 14.10 -3.00 1.44
N ARG A 248 13.36 -2.18 0.69
CA ARG A 248 13.66 -0.77 0.50
C ARG A 248 12.44 0.00 1.02
N SER A 249 12.63 0.91 1.98
CA SER A 249 11.47 1.59 2.54
C SER A 249 11.38 3.07 2.19
N LEU A 250 10.14 3.52 1.93
CA LEU A 250 9.78 4.91 1.62
C LEU A 250 8.83 5.38 2.70
N ARG A 251 8.95 6.65 3.10
CA ARG A 251 8.06 7.18 4.12
C ARG A 251 6.95 7.98 3.47
N VAL A 252 5.71 7.44 3.55
CA VAL A 252 4.50 8.08 3.02
C VAL A 252 3.45 8.30 4.15
N LEU A 253 3.70 7.69 5.33
CA LEU A 253 2.83 7.83 6.50
C LEU A 253 3.56 8.60 7.57
N ASN A 254 2.87 9.58 8.19
CA ASN A 254 3.48 10.40 9.24
C ASN A 254 3.45 9.68 10.59
N CYS A 255 3.90 10.35 11.67
CA CYS A 255 3.94 9.79 13.03
C CYS A 255 2.58 9.29 13.55
N GLN A 256 1.46 9.69 12.91
CA GLN A 256 0.11 9.23 13.27
C GLN A 256 -0.42 8.15 12.32
N GLY A 257 0.34 7.78 11.29
CA GLY A 257 -0.05 6.77 10.31
C GLY A 257 -0.91 7.35 9.21
N LYS A 258 -0.79 8.65 9.02
CA LYS A 258 -1.55 9.44 8.09
C LYS A 258 -0.66 9.88 6.93
N GLY A 259 -1.12 9.63 5.73
CA GLY A 259 -0.46 10.04 4.50
C GLY A 259 -1.44 10.68 3.55
N THR A 260 -1.00 11.00 2.35
CA THR A 260 -1.88 11.57 1.33
C THR A 260 -1.86 10.68 0.11
N VAL A 261 -2.88 10.81 -0.76
CA VAL A 261 -2.93 10.07 -2.03
C VAL A 261 -1.81 10.65 -2.92
N SER A 262 -1.62 11.98 -2.86
CA SER A 262 -0.58 12.64 -3.64
C SER A 262 0.82 12.14 -3.21
N GLY A 263 1.05 12.03 -1.91
CA GLY A 263 2.31 11.54 -1.35
C GLY A 263 2.61 10.13 -1.79
N THR A 264 1.56 9.28 -1.78
CA THR A 264 1.62 7.88 -2.20
C THR A 264 1.93 7.77 -3.70
N LEU A 265 1.32 8.63 -4.56
CA LEU A 265 1.55 8.65 -6.01
C LEU A 265 3.01 8.96 -6.27
N ILE A 266 3.56 9.96 -5.57
CA ILE A 266 4.96 10.40 -5.69
C ILE A 266 5.91 9.25 -5.30
N GLY A 267 5.55 8.53 -4.23
CA GLY A 267 6.28 7.36 -3.74
C GLY A 267 6.28 6.22 -4.74
N LEU A 268 5.12 5.98 -5.37
CA LEU A 268 4.96 4.94 -6.39
C LEU A 268 5.77 5.32 -7.67
N GLU A 269 5.85 6.63 -7.98
CA GLU A 269 6.61 7.15 -9.10
C GLU A 269 8.11 7.00 -8.79
N PHE A 270 8.52 7.25 -7.53
CA PHE A 270 9.92 7.09 -7.07
C PHE A 270 10.38 5.66 -7.32
N ILE A 271 9.51 4.66 -7.10
CA ILE A 271 9.86 3.24 -7.28
C ILE A 271 10.15 2.96 -8.75
N ARG A 272 9.22 3.37 -9.63
CA ARG A 272 9.37 3.18 -11.07
C ARG A 272 10.67 3.84 -11.62
N LYS A 273 10.98 5.05 -11.16
CA LYS A 273 12.15 5.83 -11.54
C LYS A 273 13.46 5.13 -11.16
N SER A 274 13.54 4.62 -9.92
CA SER A 274 14.70 3.92 -9.35
C SER A 274 15.03 2.67 -10.16
N GLN A 275 13.97 1.95 -10.56
CA GLN A 275 14.01 0.74 -11.35
C GLN A 275 14.54 1.02 -12.78
N LEU A 276 14.11 2.12 -13.41
CA LEU A 276 14.57 2.49 -14.76
C LEU A 276 16.03 2.92 -14.73
N VAL A 277 16.43 3.66 -13.68
CA VAL A 277 17.79 4.16 -13.45
C VAL A 277 18.73 2.95 -13.16
N GLN A 278 18.30 1.99 -12.32
CA GLN A 278 19.12 0.84 -11.94
C GLN A 278 18.29 -0.43 -11.83
N PRO A 279 17.99 -1.10 -12.94
CA PRO A 279 17.16 -2.31 -12.84
C PRO A 279 17.80 -3.46 -12.06
N VAL A 280 16.94 -4.19 -11.34
CA VAL A 280 17.31 -5.40 -10.60
C VAL A 280 16.33 -6.54 -11.00
N GLY A 281 16.01 -7.43 -10.08
CA GLY A 281 15.10 -8.54 -10.33
C GLY A 281 13.66 -8.15 -10.11
N PRO A 282 12.78 -9.15 -9.87
CA PRO A 282 11.35 -8.86 -9.63
C PRO A 282 11.10 -7.96 -8.42
N LEU A 283 10.19 -6.97 -8.56
CA LEU A 283 9.82 -6.06 -7.46
C LEU A 283 8.45 -6.42 -6.86
N VAL A 284 8.36 -6.38 -5.52
CA VAL A 284 7.13 -6.55 -4.75
C VAL A 284 6.92 -5.22 -4.03
N VAL A 285 5.76 -4.56 -4.26
CA VAL A 285 5.44 -3.27 -3.64
C VAL A 285 4.33 -3.43 -2.61
N LEU A 286 4.69 -3.30 -1.31
CA LEU A 286 3.79 -3.42 -0.19
C LEU A 286 3.24 -2.04 0.22
N LEU A 287 1.89 -1.89 0.10
CA LEU A 287 1.10 -0.69 0.42
C LEU A 287 0.14 -1.03 1.55
N PRO A 288 0.62 -0.92 2.80
CA PRO A 288 -0.20 -1.34 3.95
C PRO A 288 -1.03 -0.16 4.48
N LEU A 289 -1.67 0.51 3.53
CA LEU A 289 -2.44 1.71 3.77
C LEU A 289 -3.73 1.70 2.98
N ALA A 290 -4.62 2.66 3.27
CA ALA A 290 -5.91 2.78 2.58
C ALA A 290 -6.56 4.10 2.84
N GLY A 291 -7.15 4.60 1.76
CA GLY A 291 -7.97 5.80 1.71
C GLY A 291 -9.22 5.44 0.96
N GLY A 292 -10.11 6.40 0.76
CA GLY A 292 -11.33 6.16 0.00
C GLY A 292 -11.01 5.81 -1.44
N TYR A 293 -12.02 5.32 -2.19
CA TYR A 293 -11.82 4.97 -3.60
C TYR A 293 -11.15 6.14 -4.30
N SER A 294 -10.05 5.87 -5.01
CA SER A 294 -9.30 6.91 -5.72
C SER A 294 -9.02 6.46 -7.13
N ARG A 295 -9.50 7.25 -8.11
CA ARG A 295 -9.30 6.99 -9.53
C ARG A 295 -7.79 7.11 -9.88
N VAL A 296 -7.12 8.20 -9.43
CA VAL A 296 -5.70 8.42 -9.73
C VAL A 296 -4.82 7.31 -9.08
N LEU A 297 -5.06 6.95 -7.80
CA LEU A 297 -4.29 5.93 -7.08
C LEU A 297 -4.41 4.56 -7.70
N ASN A 298 -5.64 4.19 -8.15
CA ASN A 298 -5.93 2.93 -8.82
C ASN A 298 -5.27 2.87 -10.16
N ALA A 299 -5.27 4.00 -10.92
CA ALA A 299 -4.62 4.12 -12.24
C ALA A 299 -3.09 3.99 -12.07
N ALA A 300 -2.49 4.64 -11.03
CA ALA A 300 -1.05 4.53 -10.78
C ALA A 300 -0.66 3.06 -10.47
N CYS A 301 -1.46 2.39 -9.60
CA CYS A 301 -1.25 0.99 -9.25
C CYS A 301 -1.40 0.12 -10.53
N GLN A 302 -2.39 0.41 -11.39
CA GLN A 302 -2.66 -0.33 -12.64
C GLN A 302 -1.51 -0.20 -13.63
N ARG A 303 -0.91 1.00 -13.72
CA ARG A 303 0.24 1.26 -14.59
C ARG A 303 1.49 0.52 -14.10
N LEU A 304 1.74 0.59 -12.78
CA LEU A 304 2.85 -0.12 -12.14
C LEU A 304 2.71 -1.63 -12.36
N ALA A 305 1.48 -2.16 -12.25
CA ALA A 305 1.17 -3.59 -12.47
C ALA A 305 1.38 -4.01 -13.93
N ARG A 306 0.83 -3.22 -14.89
CA ARG A 306 1.02 -3.49 -16.32
C ARG A 306 2.51 -3.38 -16.74
N ALA A 307 3.32 -2.64 -15.96
CA ALA A 307 4.76 -2.46 -16.15
C ALA A 307 5.56 -3.62 -15.53
N GLY A 308 4.87 -4.65 -15.02
CA GLY A 308 5.48 -5.86 -14.48
C GLY A 308 5.79 -5.92 -12.99
N VAL A 309 5.54 -4.83 -12.26
CA VAL A 309 5.77 -4.74 -10.82
C VAL A 309 4.55 -5.32 -10.04
N VAL A 310 4.80 -6.22 -9.04
CA VAL A 310 3.78 -6.86 -8.19
C VAL A 310 3.39 -5.94 -7.03
N LEU A 311 2.10 -5.67 -6.84
CA LEU A 311 1.62 -4.79 -5.74
C LEU A 311 0.74 -5.57 -4.79
N VAL A 312 1.05 -5.47 -3.49
CA VAL A 312 0.32 -6.09 -2.39
C VAL A 312 -0.21 -4.99 -1.48
N THR A 313 -1.52 -5.01 -1.21
CA THR A 313 -2.14 -4.00 -0.37
C THR A 313 -3.04 -4.58 0.73
N ALA A 314 -3.29 -3.74 1.73
CA ALA A 314 -4.19 -4.04 2.84
C ALA A 314 -5.61 -3.90 2.25
N ALA A 315 -6.54 -4.80 2.61
CA ALA A 315 -7.93 -4.68 2.16
C ALA A 315 -8.61 -3.51 2.88
N GLY A 316 -8.13 -3.19 4.09
CA GLY A 316 -8.69 -2.14 4.91
C GLY A 316 -9.39 -2.72 6.13
N ASN A 317 -9.38 -1.94 7.21
CA ASN A 317 -9.95 -2.36 8.50
C ASN A 317 -11.27 -1.64 8.77
N PHE A 318 -12.10 -1.49 7.74
CA PHE A 318 -13.34 -0.74 7.93
C PHE A 318 -14.57 -1.64 7.99
N ARG A 319 -14.36 -2.97 8.09
CA ARG A 319 -15.42 -3.99 8.11
C ARG A 319 -16.44 -3.71 6.97
N ASP A 320 -15.92 -3.22 5.84
CA ASP A 320 -16.70 -2.83 4.69
C ASP A 320 -16.23 -3.55 3.40
N ASP A 321 -16.81 -3.17 2.25
CA ASP A 321 -16.48 -3.73 0.95
C ASP A 321 -15.18 -3.06 0.52
N ALA A 322 -14.13 -3.87 0.24
CA ALA A 322 -12.79 -3.39 -0.16
C ALA A 322 -12.77 -2.53 -1.43
N CYS A 323 -13.81 -2.65 -2.29
CA CYS A 323 -13.96 -1.88 -3.53
C CYS A 323 -14.14 -0.37 -3.30
N LEU A 324 -14.51 0.07 -2.08
CA LEU A 324 -14.76 1.49 -1.84
C LEU A 324 -13.54 2.21 -1.29
N TYR A 325 -12.43 1.49 -1.23
CA TYR A 325 -11.15 1.97 -0.70
C TYR A 325 -10.02 1.78 -1.71
N SER A 326 -8.95 2.58 -1.59
CA SER A 326 -7.79 2.50 -2.47
C SER A 326 -6.49 2.50 -1.68
N PRO A 327 -5.43 1.76 -2.13
CA PRO A 327 -5.35 0.97 -3.38
C PRO A 327 -6.09 -0.37 -3.40
N ALA A 328 -6.81 -0.73 -2.29
CA ALA A 328 -7.56 -1.98 -2.18
C ALA A 328 -8.39 -2.31 -3.43
N SER A 329 -9.10 -1.34 -4.00
CA SER A 329 -9.97 -1.54 -5.16
C SER A 329 -9.25 -1.74 -6.52
N ALA A 330 -7.96 -1.34 -6.65
CA ALA A 330 -7.18 -1.47 -7.91
C ALA A 330 -7.13 -2.94 -8.35
N PRO A 331 -7.78 -3.31 -9.49
CA PRO A 331 -7.90 -4.75 -9.88
C PRO A 331 -6.63 -5.62 -9.91
N GLU A 332 -5.59 -5.17 -10.66
CA GLU A 332 -4.32 -5.91 -10.82
C GLU A 332 -3.47 -5.99 -9.52
N VAL A 333 -3.88 -5.30 -8.45
CA VAL A 333 -3.17 -5.36 -7.17
C VAL A 333 -3.63 -6.61 -6.41
N ILE A 334 -2.81 -7.12 -5.47
CA ILE A 334 -3.15 -8.24 -4.59
C ILE A 334 -3.66 -7.60 -3.28
N THR A 335 -4.99 -7.57 -3.10
CA THR A 335 -5.73 -7.00 -1.97
C THR A 335 -5.92 -8.11 -0.94
N VAL A 336 -5.38 -7.90 0.29
CA VAL A 336 -5.38 -8.94 1.33
C VAL A 336 -6.25 -8.61 2.56
N GLY A 337 -7.14 -9.52 2.86
CA GLY A 337 -7.97 -9.44 4.05
C GLY A 337 -7.27 -10.14 5.20
N ALA A 338 -7.73 -9.91 6.43
CA ALA A 338 -7.11 -10.49 7.61
C ALA A 338 -7.95 -11.55 8.30
N THR A 339 -7.33 -12.70 8.61
CA THR A 339 -7.95 -13.79 9.37
C THR A 339 -7.21 -14.03 10.70
N ASN A 340 -7.86 -14.71 11.65
CA ASN A 340 -7.23 -15.04 12.94
C ASN A 340 -6.95 -16.56 13.08
N ALA A 341 -6.27 -16.97 14.16
CA ALA A 341 -5.92 -18.37 14.45
C ALA A 341 -7.15 -19.31 14.47
N GLN A 342 -8.32 -18.77 14.82
CA GLN A 342 -9.56 -19.55 14.89
C GLN A 342 -10.29 -19.60 13.51
N ASP A 343 -9.60 -19.16 12.41
CA ASP A 343 -10.13 -19.14 11.04
C ASP A 343 -11.34 -18.17 10.92
N GLN A 344 -11.31 -17.13 11.71
CA GLN A 344 -12.32 -16.10 11.79
C GLN A 344 -11.81 -14.86 11.11
N PRO A 345 -12.64 -14.17 10.29
CA PRO A 345 -12.19 -12.87 9.77
C PRO A 345 -11.95 -11.97 11.00
N VAL A 346 -10.87 -11.15 10.97
CA VAL A 346 -10.46 -10.35 12.11
C VAL A 346 -11.48 -9.24 12.46
N THR A 347 -11.76 -9.12 13.75
CA THR A 347 -12.58 -8.09 14.39
C THR A 347 -11.59 -7.10 15.02
N LEU A 348 -11.69 -5.83 14.64
CA LEU A 348 -10.84 -4.77 15.16
C LEU A 348 -11.78 -3.76 15.78
N GLY A 349 -12.15 -4.03 17.04
CA GLY A 349 -13.08 -3.21 17.81
C GLY A 349 -14.49 -3.34 17.25
N THR A 350 -15.08 -2.21 16.82
CA THR A 350 -16.43 -2.18 16.21
C THR A 350 -16.31 -2.48 14.72
N LEU A 351 -15.08 -2.49 14.22
CA LEU A 351 -14.81 -2.75 12.82
C LEU A 351 -14.09 -4.10 12.67
N GLY A 352 -13.30 -4.23 11.62
CA GLY A 352 -12.60 -5.46 11.33
C GLY A 352 -12.17 -5.47 9.90
N THR A 353 -11.78 -6.64 9.38
CA THR A 353 -11.31 -6.75 8.01
C THR A 353 -12.38 -6.38 6.98
N ASN A 354 -11.91 -5.80 5.87
CA ASN A 354 -12.76 -5.55 4.73
C ASN A 354 -12.94 -6.89 4.01
N PHE A 355 -13.96 -7.00 3.14
CA PHE A 355 -14.34 -8.22 2.42
C PHE A 355 -14.81 -7.85 1.00
N GLY A 356 -15.50 -8.77 0.31
CA GLY A 356 -16.05 -8.58 -1.03
C GLY A 356 -15.20 -9.00 -2.22
N ARG A 357 -15.70 -8.70 -3.44
CA ARG A 357 -15.12 -9.07 -4.75
C ARG A 357 -13.73 -8.49 -5.03
N CYS A 358 -13.37 -7.40 -4.37
CA CYS A 358 -12.06 -6.76 -4.58
C CYS A 358 -10.94 -7.40 -3.76
N VAL A 359 -11.28 -8.23 -2.75
CA VAL A 359 -10.33 -8.99 -1.93
C VAL A 359 -9.90 -10.19 -2.77
N ASP A 360 -8.58 -10.38 -2.90
CA ASP A 360 -8.04 -11.48 -3.68
C ASP A 360 -7.96 -12.76 -2.84
N LEU A 361 -7.57 -12.60 -1.56
CA LEU A 361 -7.38 -13.69 -0.61
C LEU A 361 -7.17 -13.12 0.80
N PHE A 362 -7.14 -13.98 1.82
CA PHE A 362 -6.90 -13.55 3.20
C PHE A 362 -5.55 -14.10 3.66
N ALA A 363 -5.03 -13.57 4.78
CA ALA A 363 -3.79 -14.04 5.41
C ALA A 363 -3.83 -13.73 6.93
N PRO A 364 -3.01 -14.39 7.77
CA PRO A 364 -3.03 -14.07 9.21
C PRO A 364 -2.82 -12.58 9.48
N GLY A 365 -3.73 -11.98 10.25
CA GLY A 365 -3.67 -10.55 10.53
C GLY A 365 -4.11 -10.15 11.92
N GLU A 366 -4.15 -11.12 12.85
CA GLU A 366 -4.50 -10.88 14.24
C GLU A 366 -3.47 -11.54 15.11
N ASP A 367 -3.06 -10.84 16.16
CA ASP A 367 -2.12 -11.35 17.16
C ASP A 367 -0.82 -11.78 16.45
N ILE A 368 -0.25 -10.83 15.71
CA ILE A 368 0.96 -11.04 14.94
C ILE A 368 2.16 -10.48 15.66
N ILE A 369 3.03 -11.39 16.17
CA ILE A 369 4.27 -11.00 16.82
C ILE A 369 5.25 -10.50 15.76
N GLY A 370 5.96 -9.44 16.09
CA GLY A 370 6.92 -8.85 15.18
C GLY A 370 7.69 -7.77 15.88
N ALA A 371 8.67 -7.23 15.17
CA ALA A 371 9.56 -6.21 15.70
C ALA A 371 8.82 -5.01 16.27
N SER A 372 9.09 -4.71 17.56
CA SER A 372 8.60 -3.52 18.26
C SER A 372 9.73 -2.52 18.17
N SER A 373 9.43 -1.30 17.68
CA SER A 373 10.39 -0.21 17.58
C SER A 373 10.71 0.43 18.97
N ASP A 374 10.22 -0.16 20.09
CA ASP A 374 10.48 0.36 21.45
C ASP A 374 11.93 0.16 21.89
N CYS A 375 12.59 -0.90 21.40
CA CYS A 375 14.01 -1.20 21.64
C CYS A 375 14.48 -2.13 20.52
N SER A 376 15.80 -2.29 20.38
CA SER A 376 16.43 -3.06 19.32
C SER A 376 16.12 -4.58 19.33
N THR A 377 15.67 -5.11 20.47
CA THR A 377 15.38 -6.54 20.57
C THR A 377 13.94 -6.75 21.00
N CYS A 378 13.16 -5.67 21.00
CA CYS A 378 11.78 -5.69 21.43
C CYS A 378 10.82 -6.27 20.38
N PHE A 379 9.87 -7.09 20.86
CA PHE A 379 8.80 -7.70 20.09
C PHE A 379 7.45 -7.31 20.68
N VAL A 380 6.43 -7.16 19.80
CA VAL A 380 5.05 -6.81 20.15
C VAL A 380 4.07 -7.49 19.17
N SER A 381 2.87 -7.80 19.65
CA SER A 381 1.80 -8.39 18.86
C SER A 381 0.88 -7.27 18.33
N GLN A 382 0.54 -7.33 17.04
CA GLN A 382 -0.27 -6.32 16.34
C GLN A 382 -1.31 -6.98 15.43
N SER A 383 -2.34 -6.22 15.06
CA SER A 383 -3.42 -6.74 14.22
C SER A 383 -3.80 -5.74 13.14
N GLY A 384 -4.34 -6.24 12.03
CA GLY A 384 -4.76 -5.42 10.88
C GLY A 384 -4.53 -6.02 9.51
N THR A 385 -5.18 -5.45 8.48
CA THR A 385 -4.98 -5.95 7.11
C THR A 385 -3.55 -5.63 6.65
N SER A 386 -2.88 -4.62 7.25
CA SER A 386 -1.47 -4.28 6.98
C SER A 386 -0.58 -5.51 7.26
N GLN A 387 -0.76 -6.16 8.45
CA GLN A 387 -0.06 -7.36 8.89
C GLN A 387 -0.33 -8.54 7.95
N ALA A 388 -1.61 -8.69 7.51
CA ALA A 388 -2.06 -9.73 6.58
C ALA A 388 -1.40 -9.56 5.23
N ALA A 389 -1.38 -8.32 4.70
CA ALA A 389 -0.76 -7.99 3.42
C ALA A 389 0.74 -8.27 3.47
N ALA A 390 1.41 -7.96 4.61
CA ALA A 390 2.84 -8.17 4.82
C ALA A 390 3.22 -9.66 4.70
N HIS A 391 2.35 -10.59 5.21
CA HIS A 391 2.52 -12.05 5.08
C HIS A 391 2.50 -12.43 3.61
N VAL A 392 1.58 -11.83 2.82
CA VAL A 392 1.40 -12.12 1.40
C VAL A 392 2.57 -11.57 0.59
N ALA A 393 3.10 -10.39 0.99
CA ALA A 393 4.29 -9.83 0.33
C ALA A 393 5.52 -10.75 0.54
N GLY A 394 5.57 -11.42 1.70
CA GLY A 394 6.63 -12.37 2.05
C GLY A 394 6.51 -13.69 1.30
N ILE A 395 5.26 -14.20 1.16
CA ILE A 395 4.96 -15.44 0.44
C ILE A 395 5.28 -15.23 -1.04
N ALA A 396 4.85 -14.10 -1.62
CA ALA A 396 5.06 -13.70 -3.01
C ALA A 396 6.54 -13.51 -3.28
N ALA A 397 7.29 -12.88 -2.33
CA ALA A 397 8.76 -12.69 -2.46
C ALA A 397 9.45 -14.03 -2.59
N MET A 398 9.05 -15.04 -1.79
CA MET A 398 9.63 -16.39 -1.84
C MET A 398 9.21 -17.16 -3.10
N MET A 399 7.98 -16.93 -3.59
CA MET A 399 7.47 -17.58 -4.79
C MET A 399 8.19 -17.05 -6.04
N LEU A 400 8.45 -15.74 -6.05
CA LEU A 400 9.12 -15.07 -7.13
C LEU A 400 10.60 -15.37 -7.11
N SER A 401 11.15 -15.66 -5.93
CA SER A 401 12.56 -16.01 -5.81
C SER A 401 12.79 -17.40 -6.40
N ALA A 402 11.84 -18.33 -6.17
CA ALA A 402 11.88 -19.69 -6.69
C ALA A 402 11.55 -19.70 -8.22
N GLU A 403 10.55 -18.92 -8.65
CA GLU A 403 10.14 -18.83 -10.06
C GLU A 403 10.21 -17.37 -10.56
N PRO A 404 11.44 -16.84 -10.81
CA PRO A 404 11.57 -15.42 -11.19
C PRO A 404 10.87 -14.97 -12.46
N GLU A 405 10.50 -15.89 -13.36
CA GLU A 405 9.82 -15.55 -14.62
C GLU A 405 8.29 -15.41 -14.51
N LEU A 406 7.70 -15.74 -13.33
CA LEU A 406 6.24 -15.69 -13.13
C LEU A 406 5.68 -14.35 -13.56
N THR A 407 4.61 -14.36 -14.38
CA THR A 407 3.95 -13.11 -14.72
C THR A 407 3.08 -12.77 -13.52
N LEU A 408 2.61 -11.51 -13.43
CA LEU A 408 1.72 -11.03 -12.37
C LEU A 408 0.51 -12.00 -12.24
N ALA A 409 -0.05 -12.43 -13.38
CA ALA A 409 -1.17 -13.37 -13.48
C ALA A 409 -0.78 -14.77 -13.03
N GLU A 410 0.43 -15.23 -13.35
CA GLU A 410 0.89 -16.57 -12.93
C GLU A 410 1.13 -16.57 -11.42
N LEU A 411 1.72 -15.48 -10.89
CA LEU A 411 1.95 -15.33 -9.44
C LEU A 411 0.60 -15.34 -8.68
N ARG A 412 -0.43 -14.66 -9.25
CA ARG A 412 -1.79 -14.64 -8.70
C ARG A 412 -2.33 -16.06 -8.66
N GLN A 413 -2.19 -16.83 -9.78
CA GLN A 413 -2.70 -18.21 -9.80
C GLN A 413 -2.01 -19.11 -8.78
N ARG A 414 -0.69 -18.92 -8.57
CA ARG A 414 0.10 -19.65 -7.57
C ARG A 414 -0.39 -19.31 -6.14
N LEU A 415 -0.63 -18.02 -5.84
CA LEU A 415 -1.15 -17.62 -4.53
C LEU A 415 -2.51 -18.25 -4.21
N ILE A 416 -3.42 -18.32 -5.21
CA ILE A 416 -4.76 -18.94 -5.05
C ILE A 416 -4.59 -20.42 -4.88
N HIS A 417 -3.90 -21.07 -5.83
CA HIS A 417 -3.67 -22.51 -5.82
C HIS A 417 -3.09 -23.01 -4.49
N PHE A 418 -2.11 -22.28 -3.93
CA PHE A 418 -1.48 -22.74 -2.69
C PHE A 418 -2.23 -22.35 -1.40
N SER A 419 -3.21 -21.43 -1.50
CA SER A 419 -4.03 -21.00 -0.37
C SER A 419 -4.88 -22.11 0.20
N ALA A 420 -5.16 -22.06 1.53
CA ALA A 420 -6.04 -23.02 2.18
C ALA A 420 -7.46 -22.64 1.75
N LYS A 421 -8.25 -23.65 1.42
CA LYS A 421 -9.60 -23.47 0.90
C LYS A 421 -10.70 -23.72 1.93
N ASP A 422 -11.67 -22.80 1.95
CA ASP A 422 -12.91 -22.86 2.70
C ASP A 422 -12.77 -23.07 4.22
N VAL A 423 -11.78 -22.41 4.86
CA VAL A 423 -11.58 -22.56 6.31
C VAL A 423 -12.19 -21.36 7.06
N ILE A 424 -12.35 -20.23 6.35
CA ILE A 424 -12.88 -19.03 6.94
C ILE A 424 -14.37 -19.19 7.25
N ASN A 425 -14.81 -18.65 8.40
CA ASN A 425 -16.22 -18.63 8.78
C ASN A 425 -16.89 -17.54 7.94
N GLU A 426 -17.69 -17.94 6.95
CA GLU A 426 -18.37 -17.00 6.07
C GLU A 426 -19.48 -16.24 6.77
N ALA A 427 -20.11 -16.84 7.80
CA ALA A 427 -21.23 -16.25 8.58
C ALA A 427 -20.91 -14.88 9.21
N TRP A 428 -19.62 -14.56 9.38
CA TRP A 428 -19.14 -13.27 9.90
C TRP A 428 -19.37 -12.15 8.84
N PHE A 429 -19.30 -12.52 7.55
CA PHE A 429 -19.49 -11.57 6.46
C PHE A 429 -20.97 -11.32 6.20
N PRO A 430 -21.34 -10.10 5.71
CA PRO A 430 -22.73 -9.86 5.31
C PRO A 430 -23.18 -10.92 4.30
N GLU A 431 -24.44 -11.38 4.41
CA GLU A 431 -25.04 -12.45 3.61
C GLU A 431 -24.69 -12.44 2.13
N ASP A 432 -24.90 -11.30 1.45
CA ASP A 432 -24.67 -11.17 0.02
C ASP A 432 -23.21 -11.19 -0.37
N GLN A 433 -22.32 -10.97 0.62
CA GLN A 433 -20.89 -10.92 0.41
C GLN A 433 -20.20 -12.26 0.50
N ARG A 434 -20.86 -13.28 1.06
CA ARG A 434 -20.31 -14.64 1.24
C ARG A 434 -19.91 -15.33 -0.04
N VAL A 435 -20.66 -15.11 -1.11
CA VAL A 435 -20.38 -15.74 -2.39
C VAL A 435 -19.27 -14.97 -3.13
N LEU A 436 -19.26 -13.65 -2.94
CA LEU A 436 -18.34 -12.71 -3.55
C LEU A 436 -16.96 -12.68 -2.95
N THR A 437 -16.86 -13.02 -1.67
CA THR A 437 -15.61 -13.00 -0.90
C THR A 437 -14.90 -14.34 -1.04
N PRO A 438 -13.66 -14.36 -1.57
CA PRO A 438 -12.97 -15.64 -1.73
C PRO A 438 -12.53 -16.19 -0.38
N ASN A 439 -12.93 -17.42 -0.10
CA ASN A 439 -12.58 -18.12 1.12
C ASN A 439 -11.22 -18.73 0.89
N LEU A 440 -10.19 -17.88 0.93
CA LEU A 440 -8.81 -18.31 0.72
C LEU A 440 -7.92 -17.78 1.81
N VAL A 441 -7.05 -18.62 2.39
CA VAL A 441 -6.06 -18.21 3.40
C VAL A 441 -4.68 -18.53 2.83
N ALA A 442 -3.90 -17.47 2.55
CA ALA A 442 -2.55 -17.55 1.96
C ALA A 442 -1.67 -18.61 2.61
N ALA A 443 -0.97 -19.38 1.76
CA ALA A 443 -0.01 -20.41 2.22
C ALA A 443 1.17 -20.57 1.27
N LEU A 444 2.33 -20.85 1.86
CA LEU A 444 3.57 -21.07 1.12
C LEU A 444 3.49 -22.43 0.42
N PRO A 445 4.19 -22.66 -0.73
CA PRO A 445 4.12 -23.98 -1.37
C PRO A 445 4.83 -25.03 -0.50
N PRO A 446 4.29 -26.28 -0.38
CA PRO A 446 4.94 -27.27 0.49
C PRO A 446 6.00 -28.11 -0.22
N THR B 1 1.43 -5.77 25.89
CA THR B 1 2.63 -6.44 26.39
C THR B 1 3.79 -6.34 25.39
N VAL B 2 4.78 -5.50 25.68
CA VAL B 2 5.98 -5.40 24.83
C VAL B 2 7.07 -6.27 25.49
N PHE B 3 7.67 -7.20 24.74
CA PHE B 3 8.73 -8.11 25.24
C PHE B 3 10.08 -7.59 24.78
N THR B 4 11.08 -7.60 25.67
CA THR B 4 12.44 -7.08 25.43
C THR B 4 13.39 -8.08 24.75
N SER B 5 12.91 -9.30 24.44
CA SER B 5 13.68 -10.36 23.79
C SER B 5 12.73 -11.40 23.23
N TRP B 6 13.21 -12.20 22.25
CA TRP B 6 12.47 -13.28 21.59
C TRP B 6 12.07 -14.39 22.55
N GLU B 7 13.03 -14.84 23.39
CA GLU B 7 12.91 -15.88 24.42
C GLU B 7 11.81 -15.56 25.42
N GLU B 8 11.70 -14.27 25.81
CA GLU B 8 10.68 -13.77 26.73
C GLU B 8 9.27 -13.94 26.13
N TYR B 9 9.12 -13.70 24.81
CA TYR B 9 7.86 -13.90 24.11
C TYR B 9 7.55 -15.41 24.06
N LEU B 10 8.57 -16.24 23.72
CA LEU B 10 8.48 -17.69 23.64
C LEU B 10 8.01 -18.32 24.97
N ASP B 11 8.55 -17.82 26.11
CA ASP B 11 8.17 -18.28 27.45
C ASP B 11 6.72 -17.88 27.79
N TRP B 12 6.30 -16.67 27.36
CA TRP B 12 4.98 -16.09 27.56
C TRP B 12 3.88 -16.90 26.84
N VAL B 13 4.18 -17.35 25.61
CA VAL B 13 3.27 -18.11 24.75
C VAL B 13 3.31 -19.62 25.04
N MET B 19 7.60 -20.46 17.93
CA MET B 19 6.69 -21.11 16.97
C MET B 19 5.37 -20.30 16.83
N PRO B 20 5.40 -19.05 16.26
CA PRO B 20 4.17 -18.23 16.15
C PRO B 20 3.12 -18.84 15.23
N TRP B 21 1.84 -18.83 15.69
CA TRP B 21 0.68 -19.41 14.98
C TRP B 21 0.62 -19.07 13.50
N ASN B 22 0.89 -17.80 13.16
CA ASN B 22 0.81 -17.25 11.81
C ASN B 22 1.82 -17.85 10.84
N LEU B 23 3.08 -18.06 11.31
CA LEU B 23 4.12 -18.68 10.49
C LEU B 23 3.81 -20.18 10.31
N VAL B 24 3.06 -20.78 11.26
CA VAL B 24 2.60 -22.16 11.21
C VAL B 24 1.46 -22.23 10.16
N ARG B 25 0.45 -21.33 10.30
CA ARG B 25 -0.70 -21.22 9.41
C ARG B 25 -0.31 -21.09 7.91
N ILE B 26 0.70 -20.26 7.57
CA ILE B 26 1.16 -20.12 6.18
C ILE B 26 2.13 -21.27 5.74
N GLY B 27 2.36 -22.24 6.62
CA GLY B 27 3.18 -23.41 6.35
C GLY B 27 4.68 -23.19 6.33
N LEU B 28 5.16 -22.15 7.02
CA LEU B 28 6.59 -21.85 7.15
C LEU B 28 7.12 -22.67 8.32
N LEU B 29 6.36 -22.64 9.46
CA LEU B 29 6.60 -23.30 10.76
C LEU B 29 7.64 -22.57 11.61
CA CA C . -6.87 -8.04 -7.37
CA CA D . -16.75 -19.61 -2.50
#